data_6SID
#
_entry.id   6SID
#
_cell.length_a   37.570
_cell.length_b   51.100
_cell.length_c   82.380
_cell.angle_alpha   90.000
_cell.angle_beta   90.000
_cell.angle_gamma   90.000
#
_symmetry.space_group_name_H-M   'C 2 2 21'
#
loop_
_entity.id
_entity.type
_entity.pdbx_description
1 polymer 'Activity-regulated cytoskeleton associated protein 1'
2 water water
#
_entity_poly.entity_id   1
_entity_poly.type   'polypeptide(L)'
_entity_poly.pdbx_seq_one_letter_code
;SGSGKPAYQIYMEFFQNKQDDHDPIDTFVIQKRALLAQLPSGRHDEETELDLLFGLLNIKYRKHISRHSVHTFKDLLEQG
RIIEHNNQED
;
_entity_poly.pdbx_strand_id   A
#
# COMPACT_ATOMS: atom_id res chain seq x y z
N GLY A 4 21.12 -0.79 -5.57
CA GLY A 4 20.02 -0.07 -4.94
C GLY A 4 20.16 0.13 -3.44
N LYS A 5 19.15 0.78 -2.84
CA LYS A 5 19.09 0.96 -1.41
C LYS A 5 19.07 -0.40 -0.71
N PRO A 6 19.65 -0.51 0.50
CA PRO A 6 19.49 -1.75 1.23
C PRO A 6 18.05 -1.95 1.62
N ALA A 7 17.67 -3.22 1.68
CA ALA A 7 16.30 -3.57 2.01
C ALA A 7 15.85 -2.96 3.31
N TYR A 8 16.70 -2.97 4.38
CA TYR A 8 16.22 -2.46 5.65
C TYR A 8 15.81 -0.99 5.51
N GLN A 9 16.54 -0.24 4.70
N GLN A 9 16.53 -0.23 4.68
CA GLN A 9 16.20 1.16 4.49
CA GLN A 9 16.22 1.19 4.50
C GLN A 9 14.88 1.26 3.73
C GLN A 9 14.93 1.38 3.71
N ILE A 10 14.67 0.39 2.73
N ILE A 10 14.70 0.52 2.73
CA ILE A 10 13.40 0.39 1.99
CA ILE A 10 13.41 0.52 2.05
C ILE A 10 12.23 0.11 2.92
C ILE A 10 12.27 0.27 3.02
N TYR A 11 12.38 -0.79 3.86
CA TYR A 11 11.28 -1.05 4.81
C TYR A 11 11.03 0.15 5.70
N MET A 12 12.09 0.78 6.22
CA MET A 12 11.89 1.92 7.08
C MET A 12 11.17 3.05 6.33
N GLU A 13 11.60 3.32 5.09
N GLU A 13 11.62 3.34 5.10
CA GLU A 13 10.95 4.37 4.29
CA GLU A 13 10.95 4.38 4.32
C GLU A 13 9.50 4.05 3.96
C GLU A 13 9.48 4.02 4.08
N PHE A 14 9.23 2.78 3.74
CA PHE A 14 7.88 2.33 3.46
C PHE A 14 6.97 2.62 4.63
N PHE A 15 7.40 2.26 5.84
CA PHE A 15 6.57 2.45 7.02
C PHE A 15 6.61 3.86 7.60
N GLN A 16 7.47 4.75 7.08
N GLN A 16 7.50 4.73 7.16
CA GLN A 16 7.69 6.04 7.70
CA GLN A 16 7.62 6.03 7.78
C GLN A 16 6.49 6.97 7.53
C GLN A 16 6.36 6.85 7.60
N ASN A 17 5.80 6.89 6.41
CA ASN A 17 4.73 7.81 6.10
C ASN A 17 3.42 7.08 5.81
N LYS A 18 2.44 7.33 6.64
CA LYS A 18 1.10 6.87 6.45
C LYS A 18 0.41 7.74 5.41
N GLN A 19 -0.69 7.27 4.88
CA GLN A 19 -1.43 8.02 3.86
C GLN A 19 -2.14 9.19 4.50
N ASP A 20 -1.85 10.37 4.01
CA ASP A 20 -2.47 11.58 4.50
C ASP A 20 -3.79 11.83 3.80
N ASP A 21 -4.59 12.70 4.42
CA ASP A 21 -5.91 13.01 3.89
C ASP A 21 -5.86 13.55 2.46
N HIS A 22 -4.79 14.22 2.09
CA HIS A 22 -4.85 14.81 0.78
C HIS A 22 -4.42 13.90 -0.33
N ASP A 23 -4.15 12.62 -0.03
CA ASP A 23 -3.43 11.85 -1.00
C ASP A 23 -4.31 10.77 -1.56
N PRO A 24 -4.64 10.84 -2.84
CA PRO A 24 -5.46 9.82 -3.46
C PRO A 24 -4.86 8.43 -3.26
N ILE A 25 -5.72 7.42 -3.21
CA ILE A 25 -5.21 6.07 -3.05
C ILE A 25 -4.32 5.69 -4.20
N ASP A 26 -4.63 6.13 -5.42
CA ASP A 26 -3.80 5.70 -6.56
C ASP A 26 -2.35 6.16 -6.36
N THR A 27 -2.15 7.41 -5.99
N THR A 27 -2.18 7.40 -5.93
CA THR A 27 -0.79 7.95 -5.86
CA THR A 27 -0.84 7.97 -5.82
C THR A 27 -0.09 7.45 -4.62
C THR A 27 -0.11 7.40 -4.62
N PHE A 28 -0.84 7.21 -3.53
CA PHE A 28 -0.23 6.59 -2.36
C PHE A 28 0.25 5.20 -2.69
N VAL A 29 -0.58 4.40 -3.37
CA VAL A 29 -0.21 3.05 -3.73
C VAL A 29 0.96 3.03 -4.71
N ILE A 30 0.98 3.92 -5.71
CA ILE A 30 2.10 3.96 -6.65
C ILE A 30 3.42 4.19 -5.89
N GLN A 31 3.41 5.13 -4.95
CA GLN A 31 4.62 5.46 -4.19
C GLN A 31 5.08 4.24 -3.39
N LYS A 32 4.15 3.59 -2.70
CA LYS A 32 4.53 2.44 -1.87
C LYS A 32 4.96 1.27 -2.72
N ARG A 33 4.28 1.02 -3.84
CA ARG A 33 4.69 -0.08 -4.69
C ARG A 33 6.04 0.17 -5.35
N ALA A 34 6.39 1.43 -5.57
CA ALA A 34 7.72 1.73 -6.08
C ALA A 34 8.82 1.32 -5.09
N LEU A 35 8.57 1.49 -3.78
CA LEU A 35 9.46 0.98 -2.75
C LEU A 35 9.50 -0.54 -2.78
N LEU A 36 8.34 -1.20 -2.81
CA LEU A 36 8.31 -2.65 -2.83
C LEU A 36 9.08 -3.23 -4.01
N ALA A 37 9.07 -2.53 -5.15
CA ALA A 37 9.77 -2.98 -6.33
C ALA A 37 11.29 -2.92 -6.16
N GLN A 38 11.78 -2.20 -5.17
CA GLN A 38 13.21 -2.13 -4.93
C GLN A 38 13.68 -3.23 -4.00
N LEU A 39 12.81 -4.01 -3.41
CA LEU A 39 13.20 -5.17 -2.64
C LEU A 39 13.56 -6.30 -3.58
N PRO A 40 14.23 -7.32 -3.07
CA PRO A 40 14.64 -8.42 -3.94
C PRO A 40 13.47 -9.05 -4.68
N SER A 41 13.70 -9.27 -5.96
N SER A 41 13.69 -9.28 -5.96
CA SER A 41 12.66 -9.87 -6.79
CA SER A 41 12.65 -9.88 -6.77
C SER A 41 12.29 -11.22 -6.21
C SER A 41 12.27 -11.22 -6.18
N GLY A 42 10.98 -11.50 -6.12
CA GLY A 42 10.50 -12.77 -5.65
C GLY A 42 10.44 -12.93 -4.15
N ARG A 43 10.90 -11.95 -3.39
CA ARG A 43 10.84 -12.08 -1.93
C ARG A 43 9.41 -12.13 -1.42
N HIS A 44 8.56 -11.20 -1.86
CA HIS A 44 7.22 -11.08 -1.33
C HIS A 44 6.19 -11.36 -2.41
N ASP A 45 5.15 -12.11 -2.06
CA ASP A 45 4.01 -12.25 -2.93
C ASP A 45 3.02 -11.08 -2.72
N GLU A 46 2.00 -11.04 -3.58
CA GLU A 46 1.06 -9.91 -3.56
C GLU A 46 0.31 -9.86 -2.25
N GLU A 47 -0.06 -11.02 -1.68
CA GLU A 47 -0.74 -11.03 -0.39
C GLU A 47 0.11 -10.34 0.68
N THR A 48 1.41 -10.67 0.70
CA THR A 48 2.31 -10.08 1.67
C THR A 48 2.48 -8.59 1.42
N GLU A 49 2.62 -8.19 0.16
CA GLU A 49 2.74 -6.78 -0.14
C GLU A 49 1.53 -6.01 0.34
N LEU A 50 0.34 -6.57 0.12
CA LEU A 50 -0.90 -5.94 0.61
C LEU A 50 -0.93 -5.89 2.13
N ASP A 51 -0.45 -6.95 2.80
CA ASP A 51 -0.35 -6.93 4.25
C ASP A 51 0.59 -5.84 4.75
N LEU A 52 1.71 -5.64 4.08
CA LEU A 52 2.65 -4.59 4.48
C LEU A 52 1.99 -3.23 4.33
N LEU A 53 1.34 -3.00 3.18
N LEU A 53 1.22 -3.04 3.25
CA LEU A 53 0.75 -1.69 2.89
CA LEU A 53 0.66 -1.73 2.90
C LEU A 53 -0.53 -1.36 3.66
C LEU A 53 -0.50 -1.36 3.81
N PHE A 54 -1.34 -2.35 4.08
CA PHE A 54 -2.73 -2.05 4.41
C PHE A 54 -2.87 -1.10 5.58
N GLY A 55 -2.09 -1.32 6.63
CA GLY A 55 -2.25 -0.51 7.79
C GLY A 55 -1.84 0.94 7.62
N LEU A 56 -1.10 1.24 6.57
CA LEU A 56 -0.68 2.62 6.28
C LEU A 56 -1.77 3.40 5.54
N LEU A 57 -2.79 2.73 5.03
CA LEU A 57 -3.89 3.42 4.35
C LEU A 57 -4.61 4.30 5.34
N ASN A 58 -5.13 5.41 4.84
CA ASN A 58 -5.89 6.32 5.68
C ASN A 58 -7.16 5.64 6.17
N ILE A 59 -7.59 5.99 7.39
CA ILE A 59 -8.81 5.44 7.97
C ILE A 59 -10.03 5.71 7.08
N LYS A 60 -9.96 6.72 6.24
CA LYS A 60 -11.06 6.94 5.33
C LYS A 60 -11.33 5.79 4.39
N TYR A 61 -10.31 5.01 4.05
CA TYR A 61 -10.47 3.78 3.30
C TYR A 61 -10.75 2.60 4.19
N ARG A 62 -9.99 2.45 5.28
CA ARG A 62 -10.12 1.28 6.12
C ARG A 62 -11.47 1.22 6.84
N LYS A 63 -12.15 2.33 7.02
CA LYS A 63 -13.50 2.24 7.59
C LYS A 63 -14.46 1.48 6.69
N HIS A 64 -14.23 1.52 5.40
CA HIS A 64 -15.09 0.91 4.40
C HIS A 64 -14.58 -0.40 3.88
N ILE A 65 -13.26 -0.60 3.85
CA ILE A 65 -12.64 -1.72 3.21
C ILE A 65 -11.75 -2.39 4.25
N SER A 66 -12.03 -3.62 4.57
N SER A 66 -12.07 -3.64 4.60
CA SER A 66 -11.16 -4.33 5.47
CA SER A 66 -11.24 -4.44 5.48
C SER A 66 -10.18 -5.16 4.66
C SER A 66 -10.21 -5.24 4.67
N ARG A 67 -9.09 -5.58 5.33
CA ARG A 67 -8.03 -6.29 4.61
C ARG A 67 -8.55 -7.55 3.92
N HIS A 68 -9.41 -8.30 4.61
CA HIS A 68 -9.85 -9.56 4.10
C HIS A 68 -10.75 -9.42 2.87
N SER A 69 -11.21 -8.21 2.54
N SER A 69 -11.26 -8.22 2.59
CA SER A 69 -12.12 -7.99 1.42
CA SER A 69 -12.14 -8.00 1.47
C SER A 69 -11.40 -7.71 0.13
C SER A 69 -11.41 -7.90 0.14
N VAL A 70 -10.09 -7.68 0.14
CA VAL A 70 -9.34 -7.50 -1.09
C VAL A 70 -8.25 -8.55 -1.19
N HIS A 71 -8.01 -9.02 -2.39
CA HIS A 71 -6.98 -10.01 -2.60
C HIS A 71 -5.89 -9.51 -3.46
N THR A 72 -6.10 -8.45 -4.20
CA THR A 72 -5.12 -7.88 -5.11
C THR A 72 -5.07 -6.39 -4.95
N PHE A 73 -3.95 -5.79 -5.38
CA PHE A 73 -3.88 -4.33 -5.50
C PHE A 73 -5.00 -3.79 -6.40
N LYS A 74 -5.28 -4.50 -7.49
CA LYS A 74 -6.35 -4.08 -8.38
C LYS A 74 -7.67 -3.94 -7.61
N ASP A 75 -8.02 -4.92 -6.76
CA ASP A 75 -9.23 -4.86 -5.95
C ASP A 75 -9.19 -3.63 -5.05
N LEU A 76 -8.06 -3.42 -4.37
CA LEU A 76 -7.95 -2.33 -3.43
C LEU A 76 -8.17 -1.01 -4.13
N LEU A 77 -7.51 -0.82 -5.27
CA LEU A 77 -7.65 0.44 -6.00
C LEU A 77 -9.08 0.64 -6.52
N GLU A 78 -9.69 -0.44 -7.04
N GLU A 78 -9.70 -0.43 -6.99
CA GLU A 78 -11.06 -0.36 -7.56
CA GLU A 78 -11.01 -0.23 -7.56
C GLU A 78 -11.97 0.15 -6.46
C GLU A 78 -12.00 0.12 -6.47
N GLN A 79 -11.88 -0.48 -5.28
CA GLN A 79 -12.77 -0.12 -4.19
C GLN A 79 -12.46 1.25 -3.65
N GLY A 80 -11.16 1.56 -3.51
CA GLY A 80 -10.79 2.84 -2.99
C GLY A 80 -11.25 3.99 -3.89
N ARG A 81 -11.20 3.80 -5.21
CA ARG A 81 -11.64 4.86 -6.10
C ARG A 81 -13.13 5.11 -5.91
N ILE A 82 -13.92 4.05 -5.74
CA ILE A 82 -15.35 4.23 -5.54
C ILE A 82 -15.60 5.02 -4.26
N ILE A 83 -14.88 4.68 -3.19
CA ILE A 83 -14.95 5.37 -1.89
C ILE A 83 -14.64 6.87 -2.05
N GLU A 84 -13.72 7.25 -2.94
CA GLU A 84 -13.35 8.67 -3.18
C GLU A 84 -14.37 9.43 -4.00
N HIS A 85 -15.27 8.70 -4.61
CA HIS A 85 -16.48 9.13 -5.31
C HIS A 85 -17.76 8.93 -4.48
N ASN A 86 -17.91 7.82 -3.70
CA ASN A 86 -19.12 7.63 -2.83
C ASN A 86 -19.09 8.82 -1.86
#